data_8IXU
#
_entry.id   8IXU
#
_cell.length_a   51.310
_cell.length_b   54.530
_cell.length_c   142.870
_cell.angle_alpha   90.000
_cell.angle_beta   90.000
_cell.angle_gamma   90.000
#
_symmetry.space_group_name_H-M   'P 21 21 21'
#
loop_
_entity.id
_entity.type
_entity.pdbx_description
1 polymer Transcobalamin-2
2 non-polymer COBALAMIN
3 non-polymer 'NITRATE ION'
4 non-polymer 'CHLORIDE ION'
5 non-polymer 'SODIUM ION'
6 water water
#
_entity_poly.entity_id   1
_entity_poly.type   'polypeptide(L)'
_entity_poly.pdbx_seq_one_letter_code
;GSSHHHHHHSSGDDDDKGEFCVIPKMDGQLVEKLGQRLLPWMDRLSSEQLNPSIYVGLRLSSMQAGTKENLYLHNLKLHY
QQCLLRSTSSDDNSGCQTKISGGSLALYLLALRANCELLGSRKGDRMVSQLKWFLEDEKKAIGHHHEGHPHTSYYQYGLS
ILALCVHRKRVHDSVVGKLLYAVEHDYFTYQGHLSVDTEAMAGLAFTCLERFNFNSDLRPRITTAIETVREKILKAQAPE
GYFGNIYSTPLALQMLMTSPGVGLGPACLKARKSLLLSLQDGAFQNPMMISQLLPVLNHKTYLNLISPDCQAPRVMLVPA
TEDPVHLSEVSVTLKVSSVLPPYERTVSVFAGASLEDVLNRARDLGEFTYGTQASLSGPYLTSVLGKEAGDREYWQLLRV
PDTPLLQGIADYKPKNGETIELRLVKM
;
_entity_poly.pdbx_strand_id   A
#
# COMPACT_ATOMS: atom_id res chain seq x y z
N GLY A 18 -14.18 -25.28 -2.40
CA GLY A 18 -13.12 -24.98 -1.46
C GLY A 18 -11.88 -24.40 -2.10
N GLU A 19 -11.96 -24.17 -3.42
CA GLU A 19 -10.84 -23.65 -4.16
C GLU A 19 -10.89 -22.14 -4.36
N PHE A 20 -11.98 -21.48 -4.02
CA PHE A 20 -12.09 -20.02 -4.19
C PHE A 20 -11.77 -19.31 -2.89
N CYS A 21 -11.02 -18.23 -2.99
CA CYS A 21 -10.69 -17.41 -1.84
C CYS A 21 -11.87 -16.49 -1.58
N VAL A 22 -12.61 -16.76 -0.51
CA VAL A 22 -13.75 -15.93 -0.12
C VAL A 22 -13.63 -15.52 1.34
N ILE A 23 -14.23 -14.37 1.65
CA ILE A 23 -14.27 -13.80 3.00
C ILE A 23 -15.74 -13.66 3.37
N PRO A 24 -16.40 -14.73 3.80
CA PRO A 24 -17.83 -14.65 4.13
C PRO A 24 -18.04 -14.10 5.55
N LYS A 25 -19.28 -13.71 5.82
CA LYS A 25 -19.72 -13.43 7.18
C LYS A 25 -18.87 -12.35 7.88
N MET A 26 -18.44 -11.34 7.14
CA MET A 26 -17.78 -10.22 7.78
C MET A 26 -18.81 -9.39 8.54
N ASP A 27 -18.42 -8.93 9.71
CA ASP A 27 -19.33 -8.14 10.52
C ASP A 27 -19.73 -6.89 9.77
N GLY A 28 -21.03 -6.64 9.67
CA GLY A 28 -21.50 -5.53 8.85
C GLY A 28 -21.11 -4.17 9.40
N GLN A 29 -21.13 -4.03 10.72
N GLN A 29 -21.14 -4.02 10.72
CA GLN A 29 -20.81 -2.74 11.33
CA GLN A 29 -20.81 -2.74 11.30
C GLN A 29 -19.33 -2.43 11.29
C GLN A 29 -19.32 -2.45 11.17
N LEU A 30 -18.47 -3.45 11.41
CA LEU A 30 -17.03 -3.21 11.26
C LEU A 30 -16.72 -2.73 9.86
N VAL A 31 -17.39 -3.27 8.85
CA VAL A 31 -17.17 -2.84 7.47
C VAL A 31 -17.72 -1.45 7.25
N GLU A 32 -18.93 -1.17 7.75
CA GLU A 32 -19.49 0.17 7.62
C GLU A 32 -18.55 1.21 8.23
N LYS A 33 -17.98 0.92 9.41
CA LYS A 33 -17.09 1.88 10.06
C LYS A 33 -15.82 2.12 9.25
N LEU A 34 -15.33 1.10 8.57
CA LEU A 34 -14.21 1.24 7.64
C LEU A 34 -14.53 2.27 6.56
N GLY A 35 -15.70 2.16 5.92
CA GLY A 35 -16.07 3.15 4.92
C GLY A 35 -16.30 4.52 5.52
N GLN A 36 -16.90 4.58 6.71
CA GLN A 36 -17.09 5.89 7.36
C GLN A 36 -15.77 6.56 7.65
N ARG A 37 -14.70 5.79 7.90
CA ARG A 37 -13.40 6.42 8.12
C ARG A 37 -12.87 7.07 6.85
N LEU A 38 -13.17 6.52 5.68
CA LEU A 38 -12.76 7.16 4.43
C LEU A 38 -13.60 8.37 4.08
N LEU A 39 -14.88 8.39 4.45
CA LEU A 39 -15.79 9.43 3.96
C LEU A 39 -15.23 10.85 4.13
N PRO A 40 -14.75 11.27 5.29
CA PRO A 40 -14.27 12.66 5.39
C PRO A 40 -13.08 12.95 4.51
N TRP A 41 -12.27 11.95 4.18
CA TRP A 41 -11.16 12.17 3.26
C TRP A 41 -11.65 12.58 1.88
N MET A 42 -12.89 12.29 1.55
CA MET A 42 -13.42 12.72 0.27
C MET A 42 -13.45 14.23 0.11
N ASP A 43 -13.42 14.99 1.22
CA ASP A 43 -13.41 16.44 1.15
C ASP A 43 -12.01 17.02 1.09
N ARG A 44 -10.99 16.21 1.29
CA ARG A 44 -9.60 16.68 1.26
C ARG A 44 -9.14 16.56 -0.18
N LEU A 45 -9.39 17.63 -0.94
CA LEU A 45 -9.30 17.60 -2.41
C LEU A 45 -8.06 18.31 -2.96
N SER A 46 -7.16 18.81 -2.11
CA SER A 46 -6.03 19.54 -2.62
C SER A 46 -5.03 18.61 -3.33
N SER A 47 -4.19 19.20 -4.18
CA SER A 47 -3.12 18.42 -4.80
C SER A 47 -2.26 17.75 -3.75
N GLU A 48 -2.16 18.36 -2.58
CA GLU A 48 -1.30 17.84 -1.53
C GLU A 48 -1.91 16.66 -0.78
N GLN A 49 -3.20 16.37 -0.96
CA GLN A 49 -3.85 15.29 -0.23
C GLN A 49 -4.59 14.30 -1.13
N LEU A 50 -4.87 14.62 -2.39
CA LEU A 50 -5.56 13.68 -3.25
C LEU A 50 -4.85 12.33 -3.30
N ASN A 51 -5.63 11.26 -3.24
CA ASN A 51 -5.10 9.90 -3.27
C ASN A 51 -5.96 9.07 -4.20
N PRO A 52 -5.50 8.78 -5.43
CA PRO A 52 -6.34 7.99 -6.35
C PRO A 52 -6.71 6.63 -5.81
N SER A 53 -5.90 6.06 -4.92
CA SER A 53 -6.24 4.75 -4.38
C SER A 53 -7.53 4.79 -3.56
N ILE A 54 -7.81 5.92 -2.89
CA ILE A 54 -9.07 6.06 -2.15
C ILE A 54 -10.25 5.91 -3.10
N TYR A 55 -10.17 6.55 -4.26
CA TYR A 55 -11.25 6.49 -5.23
C TYR A 55 -11.43 5.06 -5.73
N VAL A 56 -10.33 4.41 -6.09
CA VAL A 56 -10.40 3.01 -6.54
C VAL A 56 -11.05 2.14 -5.47
N GLY A 57 -10.56 2.25 -4.23
CA GLY A 57 -11.01 1.35 -3.19
C GLY A 57 -12.49 1.52 -2.92
N LEU A 58 -12.96 2.76 -2.92
CA LEU A 58 -14.39 2.99 -2.73
C LEU A 58 -15.21 2.43 -3.88
N ARG A 59 -14.80 2.66 -5.13
CA ARG A 59 -15.59 2.16 -6.26
C ARG A 59 -15.65 0.65 -6.29
N LEU A 60 -14.59 -0.03 -5.83
CA LEU A 60 -14.59 -1.50 -5.79
C LEU A 60 -15.21 -2.06 -4.51
N SER A 61 -15.72 -1.22 -3.62
CA SER A 61 -16.25 -1.65 -2.34
C SER A 61 -17.76 -1.78 -2.41
N SER A 62 -18.35 -2.19 -1.28
CA SER A 62 -19.81 -2.26 -1.14
C SER A 62 -20.43 -0.93 -0.71
N MET A 63 -19.65 0.16 -0.67
CA MET A 63 -20.07 1.44 -0.13
C MET A 63 -19.70 2.57 -1.09
N GLN A 64 -20.39 3.70 -0.95
CA GLN A 64 -20.19 4.83 -1.86
C GLN A 64 -20.36 6.14 -1.11
N ALA A 65 -19.86 7.21 -1.76
CA ALA A 65 -19.98 8.57 -1.24
C ALA A 65 -20.74 9.48 -2.21
N GLY A 66 -21.48 8.89 -3.15
CA GLY A 66 -22.38 9.71 -3.96
C GLY A 66 -21.63 10.74 -4.78
N THR A 67 -22.17 11.97 -4.81
CA THR A 67 -21.60 13.00 -5.67
C THR A 67 -20.22 13.42 -5.21
N LYS A 68 -19.85 13.12 -3.96
CA LYS A 68 -18.49 13.42 -3.52
C LYS A 68 -17.48 12.65 -4.37
N GLU A 69 -17.84 11.47 -4.87
CA GLU A 69 -16.93 10.70 -5.71
C GLU A 69 -16.65 11.42 -7.03
N ASN A 70 -17.69 11.96 -7.67
CA ASN A 70 -17.48 12.64 -8.94
C ASN A 70 -16.58 13.85 -8.77
N LEU A 71 -16.77 14.59 -7.68
CA LEU A 71 -15.91 15.73 -7.41
C LEU A 71 -14.48 15.27 -7.12
N TYR A 72 -14.32 14.15 -6.42
CA TYR A 72 -12.99 13.62 -6.17
C TYR A 72 -12.28 13.29 -7.49
N LEU A 73 -12.98 12.60 -8.40
CA LEU A 73 -12.37 12.26 -9.67
C LEU A 73 -12.05 13.50 -10.50
N HIS A 74 -12.93 14.49 -10.49
CA HIS A 74 -12.66 15.72 -11.22
C HIS A 74 -11.36 16.35 -10.74
N ASN A 75 -11.16 16.37 -9.42
CA ASN A 75 -9.93 16.95 -8.88
C ASN A 75 -8.71 16.07 -9.15
N LEU A 76 -8.89 14.75 -9.14
CA LEU A 76 -7.79 13.88 -9.55
C LEU A 76 -7.36 14.19 -10.97
N LYS A 77 -8.31 14.33 -11.88
CA LYS A 77 -7.96 14.65 -13.27
C LYS A 77 -7.20 15.96 -13.37
N LEU A 78 -7.67 17.00 -12.69
CA LEU A 78 -6.97 18.28 -12.75
C LEU A 78 -5.55 18.17 -12.22
N HIS A 79 -5.37 17.41 -11.15
CA HIS A 79 -4.05 17.28 -10.53
C HIS A 79 -3.08 16.52 -11.43
N TYR A 80 -3.49 15.35 -11.92
CA TYR A 80 -2.59 14.53 -12.70
C TYR A 80 -2.36 15.10 -14.09
N GLN A 81 -3.34 15.86 -14.62
CA GLN A 81 -3.13 16.51 -15.91
C GLN A 81 -2.24 17.73 -15.80
N GLN A 82 -2.31 18.46 -14.69
CA GLN A 82 -1.48 19.66 -14.51
C GLN A 82 -0.03 19.29 -14.29
N CYS A 83 0.23 18.20 -13.57
CA CYS A 83 1.58 17.73 -13.28
C CYS A 83 2.18 16.88 -14.40
N LEU A 84 1.62 16.94 -15.61
CA LEU A 84 2.23 16.26 -16.75
C LEU A 84 3.65 16.76 -16.96
N GLY A 95 2.66 25.22 -12.56
CA GLY A 95 1.35 24.70 -12.21
C GLY A 95 1.41 23.65 -11.11
N CYS A 96 2.30 22.67 -11.28
CA CYS A 96 2.45 21.58 -10.33
C CYS A 96 3.43 21.97 -9.23
N GLN A 97 3.24 21.38 -8.06
CA GLN A 97 4.05 21.69 -6.87
C GLN A 97 4.98 20.57 -6.46
N THR A 98 4.53 19.32 -6.49
CA THR A 98 5.38 18.17 -6.20
C THR A 98 5.35 17.23 -7.40
N LYS A 99 6.50 16.65 -7.71
CA LYS A 99 6.56 15.73 -8.84
C LYS A 99 5.82 14.44 -8.54
N ILE A 100 5.27 13.85 -9.59
CA ILE A 100 4.43 12.68 -9.49
C ILE A 100 5.27 11.46 -9.86
N SER A 101 5.33 10.48 -8.95
CA SER A 101 6.06 9.26 -9.23
C SER A 101 5.29 8.38 -10.22
N GLY A 102 6.02 7.48 -10.86
CA GLY A 102 5.39 6.53 -11.76
C GLY A 102 4.22 5.81 -11.11
N GLY A 103 4.43 5.28 -9.90
CA GLY A 103 3.37 4.53 -9.25
C GLY A 103 2.19 5.38 -8.88
N SER A 104 2.42 6.66 -8.58
CA SER A 104 1.30 7.54 -8.30
C SER A 104 0.44 7.75 -9.55
N LEU A 105 1.09 7.98 -10.70
CA LEU A 105 0.39 8.02 -11.99
C LEU A 105 -0.33 6.70 -12.26
N ALA A 106 0.31 5.58 -11.94
CA ALA A 106 -0.34 4.29 -12.13
C ALA A 106 -1.63 4.20 -11.34
N LEU A 107 -1.62 4.65 -10.09
CA LEU A 107 -2.85 4.63 -9.29
C LEU A 107 -3.91 5.52 -9.91
N TYR A 108 -3.51 6.66 -10.49
CA TYR A 108 -4.46 7.48 -11.23
C TYR A 108 -5.08 6.70 -12.40
N LEU A 109 -4.26 5.96 -13.16
CA LEU A 109 -4.82 5.13 -14.23
C LEU A 109 -5.82 4.12 -13.68
N LEU A 110 -5.55 3.56 -12.51
CA LEU A 110 -6.53 2.66 -11.91
C LEU A 110 -7.82 3.40 -11.58
N ALA A 111 -7.72 4.63 -11.08
CA ALA A 111 -8.93 5.41 -10.78
C ALA A 111 -9.76 5.63 -12.03
N LEU A 112 -9.10 5.94 -13.16
CA LEU A 112 -9.83 6.09 -14.41
C LEU A 112 -10.59 4.81 -14.78
N ARG A 113 -9.96 3.64 -14.64
CA ARG A 113 -10.68 2.41 -14.95
C ARG A 113 -11.86 2.21 -14.01
N ALA A 114 -11.73 2.65 -12.76
CA ALA A 114 -12.82 2.52 -11.80
C ALA A 114 -14.04 3.32 -12.19
N ASN A 115 -13.88 4.32 -13.07
CA ASN A 115 -14.98 5.03 -13.69
C ASN A 115 -15.25 4.59 -15.12
N CYS A 116 -14.72 3.43 -15.54
CA CYS A 116 -14.95 2.88 -16.87
C CYS A 116 -14.36 3.74 -17.98
N GLU A 117 -13.32 4.53 -17.67
CA GLU A 117 -12.64 5.34 -18.66
C GLU A 117 -11.36 4.67 -19.13
N LEU A 118 -11.04 4.84 -20.41
CA LEU A 118 -9.91 4.18 -21.07
C LEU A 118 -9.06 5.25 -21.71
N LEU A 119 -7.74 5.18 -21.48
CA LEU A 119 -6.80 6.09 -22.12
C LEU A 119 -6.25 5.49 -23.42
N GLY A 120 -6.11 6.36 -24.42
CA GLY A 120 -5.30 6.04 -25.60
C GLY A 120 -5.80 4.92 -26.48
N SER A 121 -7.11 4.66 -26.50
CA SER A 121 -7.62 3.60 -27.37
C SER A 121 -7.61 4.02 -28.83
N ARG A 122 -7.76 5.32 -29.11
CA ARG A 122 -7.80 5.84 -30.47
C ARG A 122 -6.63 6.75 -30.84
N LYS A 123 -5.95 7.34 -29.87
CA LYS A 123 -4.80 8.19 -30.14
C LYS A 123 -3.74 7.96 -29.08
N GLY A 124 -2.52 8.41 -29.37
CA GLY A 124 -1.47 8.35 -28.39
C GLY A 124 -1.79 9.26 -27.20
N ASP A 125 -1.48 8.77 -26.01
CA ASP A 125 -1.81 9.48 -24.78
C ASP A 125 -0.53 9.83 -24.04
N ARG A 126 -0.45 11.07 -23.55
CA ARG A 126 0.76 11.52 -22.87
C ARG A 126 0.99 10.75 -21.59
N MET A 127 -0.07 10.47 -20.85
CA MET A 127 0.10 9.78 -19.57
C MET A 127 0.57 8.35 -19.77
N VAL A 128 -0.01 7.66 -20.75
CA VAL A 128 0.47 6.32 -21.08
C VAL A 128 1.95 6.37 -21.41
N SER A 129 2.35 7.36 -22.21
CA SER A 129 3.76 7.49 -22.58
C SER A 129 4.63 7.80 -21.37
N GLN A 130 4.16 8.72 -20.51
CA GLN A 130 4.93 9.05 -19.31
C GLN A 130 5.14 7.81 -18.44
N LEU A 131 4.12 6.98 -18.30
CA LEU A 131 4.26 5.80 -17.45
C LEU A 131 5.17 4.76 -18.10
N LYS A 132 5.05 4.58 -19.42
CA LYS A 132 5.96 3.67 -20.11
C LYS A 132 7.40 4.13 -19.96
N TRP A 133 7.63 5.45 -19.98
CA TRP A 133 8.99 5.93 -19.86
C TRP A 133 9.52 5.82 -18.42
N PHE A 134 8.64 5.96 -17.43
CA PHE A 134 9.03 5.66 -16.05
C PHE A 134 9.58 4.24 -15.94
N LEU A 135 8.89 3.28 -16.54
CA LEU A 135 9.35 1.89 -16.47
C LEU A 135 10.65 1.71 -17.23
N GLU A 136 10.80 2.35 -18.38
CA GLU A 136 12.07 2.31 -19.10
C GLU A 136 13.20 2.85 -18.25
N ASP A 137 12.97 3.98 -17.57
CA ASP A 137 13.97 4.54 -16.67
C ASP A 137 14.32 3.56 -15.55
N GLU A 138 13.31 2.95 -14.93
CA GLU A 138 13.60 2.01 -13.86
C GLU A 138 14.32 0.79 -14.40
N LYS A 139 13.94 0.32 -15.60
CA LYS A 139 14.65 -0.82 -16.18
C LYS A 139 16.12 -0.51 -16.37
N LYS A 140 16.42 0.68 -16.88
CA LYS A 140 17.82 1.08 -17.06
C LYS A 140 18.55 1.15 -15.72
N ALA A 141 17.87 1.62 -14.68
CA ALA A 141 18.50 1.68 -13.35
C ALA A 141 18.86 0.29 -12.84
N ILE A 142 17.98 -0.69 -13.06
CA ILE A 142 18.26 -2.05 -12.63
C ILE A 142 19.46 -2.60 -13.38
N GLY A 143 19.56 -2.30 -14.68
CA GLY A 143 20.73 -2.65 -15.46
C GLY A 143 20.65 -4.05 -16.06
N HIS A 144 21.60 -4.32 -16.96
CA HIS A 144 21.56 -5.56 -17.74
C HIS A 144 21.86 -6.80 -16.92
N HIS A 145 22.57 -6.66 -15.80
CA HIS A 145 22.89 -7.79 -14.94
C HIS A 145 22.12 -7.74 -13.62
N HIS A 146 21.02 -6.99 -13.58
CA HIS A 146 20.21 -6.88 -12.37
C HIS A 146 21.07 -6.49 -11.17
N GLU A 147 22.15 -5.77 -11.44
CA GLU A 147 23.12 -5.35 -10.45
C GLU A 147 22.73 -4.06 -9.76
N GLY A 148 21.78 -3.31 -10.31
CA GLY A 148 21.31 -2.08 -9.74
C GLY A 148 19.97 -2.24 -9.06
N HIS A 149 19.32 -1.12 -8.81
CA HIS A 149 18.05 -1.12 -8.11
C HIS A 149 17.16 -0.04 -8.71
N PRO A 150 15.84 -0.23 -8.67
CA PRO A 150 14.95 0.85 -9.10
C PRO A 150 15.20 2.12 -8.30
N HIS A 151 14.99 3.26 -8.95
CA HIS A 151 15.03 4.53 -8.24
C HIS A 151 13.88 4.64 -7.24
N THR A 152 12.74 3.99 -7.52
CA THR A 152 11.61 3.94 -6.61
C THR A 152 11.57 2.59 -5.90
N SER A 153 10.81 1.63 -6.42
CA SER A 153 10.72 0.31 -5.81
C SER A 153 10.18 -0.67 -6.84
N TYR A 154 10.43 -1.96 -6.60
CA TYR A 154 9.78 -2.98 -7.39
C TYR A 154 8.26 -2.95 -7.21
N TYR A 155 7.76 -2.45 -6.08
CA TYR A 155 6.32 -2.30 -5.93
C TYR A 155 5.77 -1.34 -6.97
N GLN A 156 6.37 -0.16 -7.12
CA GLN A 156 5.89 0.76 -8.14
C GLN A 156 6.09 0.22 -9.54
N TYR A 157 7.15 -0.56 -9.75
CA TYR A 157 7.40 -1.18 -11.05
C TYR A 157 6.23 -2.10 -11.43
N GLY A 158 5.86 -3.02 -10.54
CA GLY A 158 4.75 -3.93 -10.82
C GLY A 158 3.42 -3.21 -10.95
N LEU A 159 3.17 -2.25 -10.05
CA LEU A 159 1.96 -1.45 -10.09
C LEU A 159 1.82 -0.73 -11.43
N SER A 160 2.92 -0.23 -11.97
CA SER A 160 2.88 0.50 -13.24
C SER A 160 2.61 -0.44 -14.42
N ILE A 161 3.20 -1.64 -14.42
CA ILE A 161 2.88 -2.62 -15.46
C ILE A 161 1.41 -2.96 -15.41
N LEU A 162 0.88 -3.17 -14.20
CA LEU A 162 -0.53 -3.52 -14.03
C LEU A 162 -1.43 -2.41 -14.55
N ALA A 163 -1.12 -1.16 -14.21
CA ALA A 163 -2.00 -0.05 -14.60
C ALA A 163 -2.01 0.14 -16.11
N LEU A 164 -0.87 -0.03 -16.78
CA LEU A 164 -0.87 0.00 -18.24
C LEU A 164 -1.69 -1.15 -18.80
N CYS A 165 -1.53 -2.34 -18.23
CA CYS A 165 -2.22 -3.50 -18.75
C CYS A 165 -3.74 -3.36 -18.66
N VAL A 166 -4.26 -2.83 -17.55
CA VAL A 166 -5.72 -2.68 -17.45
C VAL A 166 -6.23 -1.64 -18.42
N HIS A 167 -5.38 -0.75 -18.92
CA HIS A 167 -5.73 0.14 -20.01
C HIS A 167 -5.38 -0.44 -21.38
N ARG A 168 -5.12 -1.75 -21.43
CA ARG A 168 -4.90 -2.48 -22.69
C ARG A 168 -3.61 -2.03 -23.39
N LYS A 169 -2.62 -1.62 -22.59
CA LYS A 169 -1.34 -1.16 -23.08
C LYS A 169 -0.25 -2.13 -22.65
N ARG A 170 0.58 -2.53 -23.60
CA ARG A 170 1.68 -3.44 -23.33
C ARG A 170 2.99 -2.67 -23.18
N VAL A 171 3.95 -3.33 -22.55
CA VAL A 171 5.31 -2.81 -22.44
C VAL A 171 6.25 -3.85 -23.04
N HIS A 172 7.48 -3.43 -23.29
CA HIS A 172 8.45 -4.30 -23.93
C HIS A 172 8.82 -5.47 -23.02
N ASP A 173 9.12 -6.61 -23.65
CA ASP A 173 9.50 -7.80 -22.88
C ASP A 173 10.63 -7.48 -21.91
N SER A 174 11.56 -6.61 -22.29
CA SER A 174 12.71 -6.32 -21.43
C SER A 174 12.31 -5.66 -20.13
N VAL A 175 11.24 -4.85 -20.15
CA VAL A 175 10.72 -4.27 -18.91
C VAL A 175 10.14 -5.36 -18.01
N VAL A 176 9.28 -6.22 -18.57
CA VAL A 176 8.64 -7.25 -17.78
C VAL A 176 9.68 -8.21 -17.23
N GLY A 177 10.71 -8.50 -18.03
CA GLY A 177 11.75 -9.44 -17.62
C GLY A 177 12.40 -9.08 -16.30
N LYS A 178 12.58 -7.77 -16.03
CA LYS A 178 13.23 -7.38 -14.79
C LYS A 178 12.39 -7.80 -13.59
N LEU A 179 11.06 -7.66 -13.69
CA LEU A 179 10.22 -8.02 -12.55
C LEU A 179 10.13 -9.53 -12.40
N LEU A 180 10.06 -10.25 -13.52
CA LEU A 180 10.11 -11.71 -13.48
C LEU A 180 11.37 -12.19 -12.79
N TYR A 181 12.51 -11.60 -13.15
CA TYR A 181 13.78 -12.03 -12.59
C TYR A 181 13.77 -11.84 -11.08
N ALA A 182 13.24 -10.72 -10.62
CA ALA A 182 13.20 -10.43 -9.20
C ALA A 182 12.34 -11.45 -8.45
N VAL A 183 11.20 -11.83 -9.03
CA VAL A 183 10.38 -12.88 -8.42
C VAL A 183 11.11 -14.21 -8.46
N GLU A 184 11.76 -14.52 -9.57
CA GLU A 184 12.43 -15.81 -9.73
C GLU A 184 13.62 -15.96 -8.78
N HIS A 185 14.22 -14.85 -8.35
CA HIS A 185 15.45 -14.89 -7.56
C HIS A 185 15.27 -14.32 -6.16
N ASP A 186 14.03 -14.30 -5.66
CA ASP A 186 13.77 -13.89 -4.27
C ASP A 186 14.43 -12.55 -3.94
N TYR A 187 14.26 -11.58 -4.82
N TYR A 187 14.19 -11.58 -4.81
CA TYR A 187 14.52 -10.22 -4.40
CA TYR A 187 14.89 -10.29 -4.76
C TYR A 187 13.52 -9.76 -3.32
C TYR A 187 14.34 -9.36 -3.67
N PHE A 188 12.49 -10.57 -3.06
N PHE A 188 13.03 -9.42 -3.41
CA PHE A 188 11.42 -10.21 -2.15
CA PHE A 188 12.43 -8.48 -2.47
C PHE A 188 11.32 -11.12 -0.93
C PHE A 188 12.78 -8.81 -1.02
N THR A 189 12.18 -12.13 -0.82
N THR A 189 13.42 -9.94 -0.76
CA THR A 189 12.26 -12.98 0.36
CA THR A 189 13.81 -10.28 0.60
C THR A 189 13.62 -12.78 1.00
C THR A 189 14.90 -9.35 1.11
N TYR A 190 13.63 -12.46 2.30
N TYR A 190 15.89 -9.04 0.27
CA TYR A 190 14.85 -12.10 3.01
CA TYR A 190 16.92 -8.10 0.69
C TYR A 190 14.87 -12.85 4.33
C TYR A 190 16.31 -6.74 1.04
N GLN A 191 15.93 -13.64 4.55
N GLN A 191 15.33 -6.29 0.25
CA GLN A 191 16.07 -14.44 5.76
CA GLN A 191 14.82 -4.94 0.38
C GLN A 191 14.83 -15.30 6.01
C GLN A 191 14.24 -4.71 1.78
N GLY A 192 14.26 -15.80 4.92
N GLY A 192 14.17 -3.43 2.15
CA GLY A 192 13.07 -16.63 4.99
CA GLY A 192 13.67 -3.00 3.45
C GLY A 192 11.76 -15.88 5.04
C GLY A 192 12.53 -3.83 4.02
N HIS A 193 11.80 -14.54 5.08
N HIS A 193 11.37 -3.81 3.37
CA HIS A 193 10.60 -13.72 5.23
CA HIS A 193 10.27 -4.65 3.81
C HIS A 193 10.29 -13.03 3.91
C HIS A 193 10.54 -6.11 3.43
N LEU A 194 9.09 -13.28 3.38
N LEU A 194 10.08 -7.02 4.30
CA LEU A 194 8.68 -12.73 2.09
CA LEU A 194 10.32 -8.45 4.16
C LEU A 194 8.17 -11.30 2.30
C LEU A 194 9.04 -9.24 3.95
N SER A 195 8.58 -10.38 1.43
N SER A 195 7.91 -8.57 3.72
CA SER A 195 7.96 -9.06 1.34
CA SER A 195 6.63 -9.23 3.58
C SER A 195 6.70 -9.25 0.53
C SER A 195 6.32 -9.46 2.10
N VAL A 196 5.64 -9.65 1.25
N VAL A 196 5.03 -9.61 1.76
CA VAL A 196 4.40 -10.09 0.61
CA VAL A 196 4.59 -10.10 0.46
C VAL A 196 3.90 -9.04 -0.37
C VAL A 196 3.86 -9.05 -0.36
N ASP A 197 3.84 -7.78 0.06
CA ASP A 197 3.14 -6.76 -0.71
C ASP A 197 3.71 -6.64 -2.12
N THR A 198 5.04 -6.60 -2.25
CA THR A 198 5.64 -6.41 -3.56
C THR A 198 5.46 -7.65 -4.42
N GLU A 199 5.62 -8.84 -3.83
CA GLU A 199 5.39 -10.08 -4.56
C GLU A 199 3.94 -10.18 -5.04
N ALA A 200 2.99 -9.84 -4.18
CA ALA A 200 1.58 -9.88 -4.56
C ALA A 200 1.31 -8.92 -5.71
N MET A 201 1.82 -7.69 -5.61
CA MET A 201 1.63 -6.72 -6.69
C MET A 201 2.21 -7.23 -8.00
N ALA A 202 3.39 -7.84 -7.95
CA ALA A 202 3.95 -8.43 -9.16
C ALA A 202 3.02 -9.50 -9.71
N GLY A 203 2.47 -10.33 -8.84
CA GLY A 203 1.52 -11.35 -9.29
C GLY A 203 0.29 -10.77 -9.94
N LEU A 204 -0.23 -9.65 -9.41
CA LEU A 204 -1.37 -9.00 -10.06
C LEU A 204 -1.01 -8.53 -11.46
N ALA A 205 0.16 -7.90 -11.60
CA ALA A 205 0.61 -7.47 -12.92
C ALA A 205 0.73 -8.65 -13.87
N PHE A 206 1.38 -9.73 -13.44
CA PHE A 206 1.55 -10.91 -14.27
C PHE A 206 0.20 -11.50 -14.68
N THR A 207 -0.78 -11.50 -13.76
CA THR A 207 -2.10 -12.04 -14.05
C THR A 207 -2.76 -11.25 -15.16
N CYS A 208 -2.62 -9.92 -15.14
CA CYS A 208 -3.17 -9.13 -16.22
C CYS A 208 -2.48 -9.45 -17.54
N LEU A 209 -1.14 -9.52 -17.54
CA LEU A 209 -0.43 -9.87 -18.77
C LEU A 209 -0.92 -11.19 -19.33
N GLU A 210 -1.10 -12.18 -18.45
CA GLU A 210 -1.54 -13.49 -18.89
C GLU A 210 -2.91 -13.42 -19.55
N ARG A 211 -3.83 -12.61 -18.98
CA ARG A 211 -5.19 -12.55 -19.52
C ARG A 211 -5.22 -11.92 -20.89
N PHE A 212 -4.33 -10.97 -21.18
CA PHE A 212 -4.23 -10.36 -22.49
C PHE A 212 -3.30 -11.13 -23.43
N ASN A 213 -2.61 -12.16 -22.95
CA ASN A 213 -1.53 -12.79 -23.70
C ASN A 213 -0.51 -11.76 -24.18
N PHE A 214 -0.23 -10.77 -23.32
CA PHE A 214 0.85 -9.84 -23.57
C PHE A 214 2.19 -10.50 -23.29
N ASN A 215 3.24 -10.01 -23.94
CA ASN A 215 4.58 -10.52 -23.70
C ASN A 215 4.65 -12.03 -23.90
N SER A 216 4.10 -12.50 -25.03
CA SER A 216 3.86 -13.92 -25.21
C SER A 216 5.15 -14.75 -25.22
N ASP A 217 6.27 -14.18 -25.66
CA ASP A 217 7.53 -14.94 -25.59
C ASP A 217 7.89 -15.28 -24.16
N LEU A 218 7.45 -14.45 -23.21
CA LEU A 218 7.70 -14.64 -21.79
C LEU A 218 6.61 -15.44 -21.11
N ARG A 219 5.64 -15.96 -21.87
CA ARG A 219 4.49 -16.60 -21.23
C ARG A 219 4.89 -17.73 -20.30
N PRO A 220 5.84 -18.61 -20.63
CA PRO A 220 6.24 -19.64 -19.66
C PRO A 220 6.74 -19.06 -18.34
N ARG A 221 7.54 -18.00 -18.38
CA ARG A 221 7.98 -17.36 -17.15
C ARG A 221 6.79 -16.74 -16.40
N ILE A 222 5.89 -16.10 -17.14
CA ILE A 222 4.79 -15.38 -16.51
C ILE A 222 3.89 -16.35 -15.75
N THR A 223 3.51 -17.45 -16.40
CA THR A 223 2.61 -18.40 -15.75
C THR A 223 3.28 -19.08 -14.57
N THR A 224 4.57 -19.41 -14.68
CA THR A 224 5.28 -19.96 -13.53
C THR A 224 5.32 -18.96 -12.38
N ALA A 225 5.59 -17.69 -12.69
CA ALA A 225 5.71 -16.67 -11.65
C ALA A 225 4.39 -16.46 -10.91
N ILE A 226 3.27 -16.56 -11.61
CA ILE A 226 1.97 -16.48 -10.95
C ILE A 226 1.86 -17.56 -9.89
N GLU A 227 2.25 -18.80 -10.24
CA GLU A 227 2.23 -19.90 -9.28
C GLU A 227 3.23 -19.65 -8.15
N THR A 228 4.44 -19.20 -8.50
CA THR A 228 5.45 -18.89 -7.50
C THR A 228 4.92 -17.90 -6.48
N VAL A 229 4.30 -16.82 -6.95
CA VAL A 229 3.78 -15.79 -6.05
C VAL A 229 2.69 -16.37 -5.16
N ARG A 230 1.74 -17.10 -5.74
N ARG A 230 1.74 -17.10 -5.75
CA ARG A 230 0.68 -17.69 -4.94
CA ARG A 230 0.67 -17.69 -4.95
C ARG A 230 1.25 -18.59 -3.86
C ARG A 230 1.24 -18.61 -3.87
N GLU A 231 2.23 -19.42 -4.22
CA GLU A 231 2.84 -20.33 -3.25
C GLU A 231 3.56 -19.57 -2.14
N LYS A 232 4.30 -18.52 -2.50
CA LYS A 232 4.99 -17.72 -1.47
C LYS A 232 4.00 -17.07 -0.52
N ILE A 233 2.89 -16.57 -1.05
CA ILE A 233 1.87 -15.97 -0.19
C ILE A 233 1.36 -16.99 0.81
N LEU A 234 1.01 -18.18 0.33
CA LEU A 234 0.46 -19.19 1.22
C LEU A 234 1.47 -19.59 2.29
N LYS A 235 2.76 -19.67 1.92
CA LYS A 235 3.79 -20.03 2.88
C LYS A 235 4.05 -18.91 3.88
N ALA A 236 3.70 -17.68 3.54
CA ALA A 236 3.84 -16.56 4.46
C ALA A 236 2.67 -16.46 5.44
N GLN A 237 1.69 -17.36 5.34
CA GLN A 237 0.55 -17.29 6.24
C GLN A 237 0.96 -17.69 7.66
N ALA A 238 0.67 -16.81 8.60
CA ALA A 238 0.94 -17.06 10.00
C ALA A 238 -0.18 -17.89 10.60
N PRO A 239 0.07 -18.52 11.75
CA PRO A 239 -1.01 -19.28 12.40
C PRO A 239 -2.25 -18.45 12.66
N GLU A 240 -2.08 -17.16 12.96
CA GLU A 240 -3.20 -16.26 13.18
C GLU A 240 -4.03 -16.02 11.91
N GLY A 241 -3.45 -16.25 10.73
CA GLY A 241 -4.18 -16.18 9.48
C GLY A 241 -3.77 -15.07 8.53
N TYR A 242 -3.07 -14.05 8.99
CA TYR A 242 -2.61 -13.02 8.08
C TYR A 242 -1.46 -13.54 7.22
N PHE A 243 -1.24 -12.89 6.08
CA PHE A 243 -0.15 -13.23 5.16
C PHE A 243 0.97 -12.22 5.33
N GLY A 244 2.06 -12.63 5.99
CA GLY A 244 3.16 -11.74 6.27
C GLY A 244 2.89 -10.85 7.46
N ASN A 245 1.98 -9.89 7.27
CA ASN A 245 1.43 -9.11 8.36
C ASN A 245 0.03 -8.67 7.95
N ILE A 246 -0.68 -8.07 8.89
CA ILE A 246 -2.09 -7.76 8.65
C ILE A 246 -2.24 -6.76 7.53
N TYR A 247 -1.26 -5.87 7.35
CA TYR A 247 -1.35 -4.84 6.32
C TYR A 247 -0.91 -5.32 4.92
N SER A 248 -0.18 -6.43 4.84
CA SER A 248 0.08 -7.09 3.57
C SER A 248 -1.08 -7.94 3.11
N THR A 249 -1.98 -8.27 4.03
CA THR A 249 -3.03 -9.25 3.80
C THR A 249 -4.02 -8.79 2.72
N PRO A 250 -4.35 -7.50 2.63
CA PRO A 250 -5.24 -7.10 1.52
C PRO A 250 -4.69 -7.40 0.13
N LEU A 251 -3.43 -7.04 -0.16
CA LEU A 251 -2.89 -7.32 -1.49
C LEU A 251 -2.68 -8.81 -1.68
N ALA A 252 -2.28 -9.52 -0.64
CA ALA A 252 -2.17 -10.98 -0.74
C ALA A 252 -3.51 -11.59 -1.11
N LEU A 253 -4.58 -11.15 -0.45
CA LEU A 253 -5.92 -11.63 -0.77
C LEU A 253 -6.33 -11.29 -2.20
N GLN A 254 -5.94 -10.11 -2.70
CA GLN A 254 -6.25 -9.80 -4.10
C GLN A 254 -5.61 -10.85 -5.01
N MET A 255 -4.34 -11.16 -4.77
CA MET A 255 -3.69 -12.14 -5.62
C MET A 255 -4.40 -13.48 -5.56
N LEU A 256 -4.75 -13.93 -4.35
CA LEU A 256 -5.42 -15.22 -4.22
C LEU A 256 -6.81 -15.21 -4.87
N MET A 257 -7.50 -14.07 -4.82
CA MET A 257 -8.85 -13.96 -5.37
C MET A 257 -8.87 -13.95 -6.90
N THR A 258 -7.73 -13.74 -7.54
CA THR A 258 -7.77 -13.69 -9.00
C THR A 258 -8.15 -15.01 -9.62
N SER A 259 -7.84 -16.14 -8.96
CA SER A 259 -8.12 -17.45 -9.53
C SER A 259 -8.24 -18.46 -8.41
N PRO A 260 -9.07 -19.49 -8.56
CA PRO A 260 -9.16 -20.53 -7.53
C PRO A 260 -7.92 -21.42 -7.51
N GLY A 261 -7.79 -22.17 -6.41
CA GLY A 261 -6.71 -23.14 -6.28
C GLY A 261 -6.87 -23.97 -5.03
N VAL A 262 -6.14 -25.08 -4.99
CA VAL A 262 -6.24 -26.00 -3.87
C VAL A 262 -5.82 -25.29 -2.59
N GLY A 263 -6.68 -25.37 -1.57
CA GLY A 263 -6.37 -24.80 -0.27
C GLY A 263 -6.73 -23.34 -0.08
N LEU A 264 -7.16 -22.64 -1.14
CA LEU A 264 -7.42 -21.20 -0.99
C LEU A 264 -8.65 -20.96 -0.12
N GLY A 265 -9.66 -21.80 -0.23
CA GLY A 265 -10.83 -21.65 0.60
C GLY A 265 -10.43 -21.59 2.06
N PRO A 266 -9.84 -22.65 2.57
CA PRO A 266 -9.43 -22.66 3.98
C PRO A 266 -8.43 -21.58 4.35
N ALA A 267 -7.46 -21.32 3.48
CA ALA A 267 -6.48 -20.28 3.78
C ALA A 267 -7.16 -18.92 3.92
N CYS A 268 -8.09 -18.61 3.03
CA CYS A 268 -8.76 -17.33 3.11
C CYS A 268 -9.73 -17.24 4.28
N LEU A 269 -10.32 -18.36 4.70
CA LEU A 269 -11.13 -18.31 5.92
C LEU A 269 -10.29 -17.97 7.14
N LYS A 270 -9.04 -18.46 7.20
CA LYS A 270 -8.15 -18.05 8.31
C LYS A 270 -7.87 -16.56 8.25
N ALA A 271 -7.67 -16.03 7.04
CA ALA A 271 -7.42 -14.60 6.88
C ALA A 271 -8.63 -13.79 7.31
N ARG A 272 -9.84 -14.29 7.04
CA ARG A 272 -11.05 -13.62 7.49
C ARG A 272 -11.01 -13.40 9.01
N LYS A 273 -10.68 -14.45 9.76
CA LYS A 273 -10.63 -14.30 11.22
C LYS A 273 -9.60 -13.25 11.61
N SER A 274 -8.43 -13.29 11.00
N SER A 274 -8.43 -13.28 10.99
CA SER A 274 -7.39 -12.31 11.32
CA SER A 274 -7.38 -12.31 11.33
C SER A 274 -7.88 -10.90 11.06
C SER A 274 -7.86 -10.89 11.04
N LEU A 275 -8.53 -10.67 9.92
CA LEU A 275 -9.05 -9.34 9.60
C LEU A 275 -10.10 -8.89 10.61
N LEU A 276 -11.04 -9.78 10.96
CA LEU A 276 -12.07 -9.40 11.93
C LEU A 276 -11.46 -8.97 13.26
N LEU A 277 -10.52 -9.77 13.79
CA LEU A 277 -9.91 -9.42 15.06
C LEU A 277 -9.13 -8.11 14.96
N SER A 278 -8.43 -7.90 13.84
CA SER A 278 -7.66 -6.67 13.67
C SER A 278 -8.58 -5.46 13.66
N LEU A 279 -9.72 -5.58 12.96
CA LEU A 279 -10.69 -4.48 12.96
C LEU A 279 -11.24 -4.20 14.35
N GLN A 280 -11.49 -5.24 15.15
CA GLN A 280 -11.92 -5.04 16.53
C GLN A 280 -10.84 -4.37 17.37
N ASP A 281 -9.58 -4.58 17.02
CA ASP A 281 -8.44 -3.99 17.70
C ASP A 281 -8.00 -2.66 17.15
N GLY A 282 -8.80 -2.01 16.30
CA GLY A 282 -8.47 -0.67 15.86
C GLY A 282 -7.61 -0.56 14.62
N ALA A 283 -7.34 -1.67 13.93
CA ALA A 283 -6.56 -1.61 12.71
C ALA A 283 -7.36 -0.94 11.59
N PHE A 284 -6.65 -0.56 10.54
CA PHE A 284 -7.27 0.01 9.33
C PHE A 284 -7.95 1.34 9.61
N GLN A 285 -7.21 2.22 10.28
CA GLN A 285 -7.57 3.63 10.34
C GLN A 285 -6.88 4.46 9.26
N ASN A 286 -5.87 3.90 8.60
CA ASN A 286 -5.10 4.61 7.58
C ASN A 286 -5.84 4.55 6.24
N PRO A 287 -6.06 5.68 5.57
CA PRO A 287 -6.84 5.62 4.31
C PRO A 287 -6.26 4.75 3.22
N MET A 288 -4.95 4.78 3.00
CA MET A 288 -4.38 3.90 1.98
C MET A 288 -4.65 2.45 2.30
N MET A 289 -4.50 2.06 3.56
CA MET A 289 -4.78 0.67 3.93
C MET A 289 -6.26 0.34 3.78
N ILE A 290 -7.16 1.22 4.23
CA ILE A 290 -8.59 1.00 4.01
C ILE A 290 -8.85 0.78 2.53
N SER A 291 -8.21 1.59 1.68
CA SER A 291 -8.45 1.52 0.24
C SER A 291 -7.97 0.22 -0.39
N GLN A 292 -6.98 -0.46 0.22
CA GLN A 292 -6.55 -1.77 -0.26
C GLN A 292 -7.43 -2.89 0.26
N LEU A 293 -8.01 -2.71 1.46
CA LEU A 293 -8.86 -3.73 2.08
C LEU A 293 -10.28 -3.75 1.50
N LEU A 294 -10.87 -2.58 1.24
CA LEU A 294 -12.28 -2.56 0.83
C LEU A 294 -12.56 -3.41 -0.39
N PRO A 295 -11.74 -3.40 -1.43
CA PRO A 295 -12.07 -4.25 -2.61
C PRO A 295 -12.20 -5.71 -2.23
N VAL A 296 -11.24 -6.24 -1.45
CA VAL A 296 -11.26 -7.67 -1.17
C VAL A 296 -12.42 -8.05 -0.26
N LEU A 297 -12.84 -7.16 0.64
CA LEU A 297 -14.04 -7.47 1.43
C LEU A 297 -15.27 -7.58 0.55
N ASN A 298 -15.26 -6.92 -0.62
CA ASN A 298 -16.30 -7.01 -1.63
C ASN A 298 -15.96 -8.00 -2.74
N HIS A 299 -14.98 -8.86 -2.51
CA HIS A 299 -14.60 -9.91 -3.45
C HIS A 299 -14.19 -9.37 -4.82
N LYS A 300 -13.54 -8.22 -4.80
CA LYS A 300 -12.99 -7.58 -5.99
C LYS A 300 -11.50 -7.31 -5.81
N THR A 301 -10.83 -7.15 -6.94
CA THR A 301 -9.40 -6.88 -6.97
C THR A 301 -9.15 -5.85 -8.06
N TYR A 302 -7.89 -5.43 -8.18
CA TYR A 302 -7.53 -4.53 -9.26
C TYR A 302 -7.70 -5.18 -10.64
N LEU A 303 -7.79 -6.51 -10.71
CA LEU A 303 -8.03 -7.17 -11.98
C LEU A 303 -9.46 -6.94 -12.46
N ASN A 304 -10.39 -6.59 -11.55
CA ASN A 304 -11.72 -6.20 -11.98
C ASN A 304 -11.69 -4.94 -12.83
N LEU A 305 -10.61 -4.17 -12.79
CA LEU A 305 -10.50 -2.94 -13.56
C LEU A 305 -10.22 -3.19 -15.04
N ILE A 306 -9.99 -4.43 -15.48
CA ILE A 306 -9.97 -4.70 -16.92
C ILE A 306 -11.35 -4.47 -17.49
N SER A 307 -12.38 -5.02 -16.84
CA SER A 307 -13.77 -4.96 -17.30
C SER A 307 -14.69 -4.67 -16.12
N PRO A 308 -14.66 -3.46 -15.57
CA PRO A 308 -15.35 -3.21 -14.31
C PRO A 308 -16.84 -2.91 -14.47
N ASP A 309 -17.59 -3.30 -13.44
CA ASP A 309 -18.96 -2.86 -13.25
C ASP A 309 -18.92 -1.42 -12.73
N CYS A 310 -19.50 -0.50 -13.50
CA CYS A 310 -19.62 0.88 -13.06
C CYS A 310 -21.04 1.21 -12.66
N GLN A 311 -21.83 0.16 -12.42
CA GLN A 311 -23.19 0.22 -11.90
C GLN A 311 -23.31 -0.66 -10.66
N ALA A 312 -22.20 -0.85 -9.95
CA ALA A 312 -22.18 -1.81 -8.86
C ALA A 312 -23.10 -1.36 -7.73
N PRO A 313 -23.71 -2.30 -7.01
CA PRO A 313 -24.60 -1.93 -5.89
C PRO A 313 -23.76 -1.52 -4.70
N ARG A 314 -23.96 -0.28 -4.23
CA ARG A 314 -23.15 0.26 -3.15
C ARG A 314 -24.01 1.15 -2.26
N VAL A 315 -23.89 0.98 -0.95
CA VAL A 315 -24.72 1.74 0.00
C VAL A 315 -24.03 3.06 0.33
N MET A 316 -24.83 4.13 0.37
CA MET A 316 -24.33 5.45 0.74
C MET A 316 -23.78 5.47 2.16
N LEU A 317 -22.61 6.07 2.32
CA LEU A 317 -21.99 6.32 3.62
C LEU A 317 -22.57 7.59 4.26
N VAL A 318 -22.69 7.56 5.58
CA VAL A 318 -23.13 8.73 6.35
C VAL A 318 -22.07 9.00 7.39
N PRO A 319 -21.89 10.24 7.82
CA PRO A 319 -20.82 10.52 8.80
C PRO A 319 -21.05 9.77 10.10
N ALA A 320 -19.96 9.30 10.68
CA ALA A 320 -19.99 8.72 12.01
C ALA A 320 -20.09 9.83 13.05
N THR A 321 -20.51 9.44 14.27
CA THR A 321 -20.52 10.37 15.40
C THR A 321 -19.18 10.32 16.11
N GLU A 322 -18.72 11.48 16.56
CA GLU A 322 -17.39 11.58 17.15
C GLU A 322 -17.33 10.83 18.48
N ASP A 323 -16.15 10.24 18.74
CA ASP A 323 -15.95 9.51 19.98
C ASP A 323 -15.61 10.49 21.11
N PRO A 324 -15.92 10.14 22.36
CA PRO A 324 -15.64 11.05 23.47
C PRO A 324 -14.15 11.34 23.63
N VAL A 325 -13.87 12.45 24.32
CA VAL A 325 -12.50 12.86 24.61
C VAL A 325 -12.05 12.19 25.91
N HIS A 326 -10.74 11.98 26.03
CA HIS A 326 -10.16 11.21 27.13
C HIS A 326 -9.07 12.02 27.82
N LEU A 327 -8.86 11.73 29.09
CA LEU A 327 -7.77 12.31 29.86
C LEU A 327 -6.75 11.29 30.33
N SER A 328 -6.97 10.01 30.04
CA SER A 328 -6.01 8.97 30.38
C SER A 328 -4.72 9.19 29.61
N GLU A 329 -3.60 8.76 30.21
CA GLU A 329 -2.29 9.00 29.62
C GLU A 329 -1.51 7.69 29.51
N VAL A 330 -0.56 7.68 28.58
CA VAL A 330 0.41 6.60 28.43
C VAL A 330 1.79 7.21 28.55
N SER A 331 2.70 6.45 29.13
CA SER A 331 4.10 6.83 29.23
C SER A 331 4.88 6.07 28.17
N VAL A 332 5.63 6.81 27.34
CA VAL A 332 6.33 6.23 26.20
C VAL A 332 7.74 6.80 26.18
N THR A 333 8.74 5.95 25.99
CA THR A 333 10.13 6.40 25.84
C THR A 333 10.48 6.47 24.35
N LEU A 334 11.02 7.61 23.93
CA LEU A 334 11.49 7.82 22.57
C LEU A 334 13.01 7.77 22.58
N LYS A 335 13.60 6.96 21.69
CA LYS A 335 15.03 6.74 21.64
C LYS A 335 15.55 6.92 20.23
N VAL A 336 16.70 7.58 20.09
CA VAL A 336 17.39 7.73 18.80
C VAL A 336 18.88 7.55 19.06
N SER A 337 19.44 6.45 18.56
CA SER A 337 20.86 6.18 18.71
C SER A 337 21.65 6.48 17.44
N SER A 338 20.99 6.83 16.34
CA SER A 338 21.66 7.09 15.07
C SER A 338 22.26 8.48 14.97
N VAL A 339 22.07 9.31 15.98
CA VAL A 339 22.65 10.65 15.97
C VAL A 339 23.57 10.77 17.16
N LEU A 340 24.44 11.78 17.09
CA LEU A 340 25.41 12.05 18.14
C LEU A 340 25.20 13.47 18.65
N PRO A 341 24.96 13.69 19.95
CA PRO A 341 24.74 12.67 20.99
C PRO A 341 23.43 11.93 20.76
N PRO A 342 23.33 10.68 21.22
CA PRO A 342 22.06 9.98 21.15
C PRO A 342 21.02 10.69 22.01
N TYR A 343 19.78 10.24 21.85
CA TYR A 343 18.63 10.85 22.48
C TYR A 343 17.78 9.77 23.14
N GLU A 344 17.28 10.06 24.34
CA GLU A 344 16.33 9.18 24.99
C GLU A 344 15.53 10.04 25.96
N ARG A 345 14.20 10.00 25.86
CA ARG A 345 13.33 10.76 26.75
C ARG A 345 12.01 10.03 26.89
N THR A 346 11.56 9.89 28.13
CA THR A 346 10.25 9.32 28.42
C THR A 346 9.24 10.47 28.55
N VAL A 347 8.16 10.40 27.79
CA VAL A 347 7.13 11.43 27.81
C VAL A 347 5.78 10.80 28.12
N SER A 348 4.85 11.65 28.52
CA SER A 348 3.45 11.29 28.71
C SER A 348 2.61 11.96 27.65
N VAL A 349 1.73 11.18 27.01
CA VAL A 349 0.75 11.69 26.06
C VAL A 349 -0.58 11.06 26.41
N PHE A 350 -1.65 11.61 25.84
CA PHE A 350 -2.96 11.03 26.08
CA PHE A 350 -2.96 11.03 26.08
C PHE A 350 -3.05 9.64 25.46
N ALA A 351 -3.73 8.73 26.16
CA ALA A 351 -3.93 7.40 25.61
C ALA A 351 -4.65 7.51 24.27
N GLY A 352 -4.19 6.72 23.29
CA GLY A 352 -4.68 6.86 21.95
C GLY A 352 -3.98 7.91 21.12
N ALA A 353 -3.08 8.69 21.72
CA ALA A 353 -2.20 9.56 20.97
C ALA A 353 -1.33 8.72 20.03
N SER A 354 -0.86 9.35 18.97
CA SER A 354 -0.04 8.70 17.97
C SER A 354 1.45 8.87 18.30
N LEU A 355 2.27 8.12 17.57
CA LEU A 355 3.72 8.32 17.66
C LEU A 355 4.09 9.74 17.24
N GLU A 356 3.42 10.26 16.22
CA GLU A 356 3.61 11.67 15.85
C GLU A 356 3.36 12.61 17.04
N ASP A 357 2.31 12.34 17.82
CA ASP A 357 2.06 13.14 19.02
C ASP A 357 3.21 13.00 20.01
N VAL A 358 3.79 11.80 20.14
CA VAL A 358 4.95 11.62 21.00
C VAL A 358 6.12 12.46 20.50
N LEU A 359 6.38 12.46 19.19
CA LEU A 359 7.44 13.30 18.66
C LEU A 359 7.19 14.77 18.95
N ASN A 360 5.94 15.21 18.80
CA ASN A 360 5.61 16.62 19.05
C ASN A 360 5.82 16.97 20.51
N ARG A 361 5.51 16.03 21.42
CA ARG A 361 5.71 16.28 22.84
C ARG A 361 7.20 16.37 23.16
N ALA A 362 7.99 15.48 22.57
CA ALA A 362 9.44 15.56 22.76
C ALA A 362 9.98 16.89 22.25
N ARG A 363 9.51 17.33 21.08
CA ARG A 363 9.93 18.62 20.53
C ARG A 363 9.50 19.77 21.42
N ASP A 364 8.32 19.67 22.03
CA ASP A 364 7.84 20.71 22.95
C ASP A 364 8.75 20.84 24.18
N LEU A 365 9.34 19.72 24.62
CA LEU A 365 10.04 19.67 25.91
C LEU A 365 11.53 19.94 25.81
N GLY A 366 12.11 19.98 24.62
CA GLY A 366 13.53 20.20 24.51
C GLY A 366 13.96 20.36 23.07
N GLU A 367 15.26 20.12 22.82
CA GLU A 367 15.85 20.36 21.50
C GLU A 367 15.57 19.25 20.49
N PHE A 368 14.66 18.33 20.76
CA PHE A 368 14.32 17.33 19.77
C PHE A 368 13.69 18.00 18.55
N THR A 369 14.07 17.54 17.34
CA THR A 369 13.49 18.05 16.10
C THR A 369 13.23 16.87 15.18
N TYR A 370 12.25 17.03 14.29
CA TYR A 370 12.03 16.03 13.27
C TYR A 370 11.37 16.69 12.07
N GLY A 371 11.43 16.01 10.94
CA GLY A 371 10.81 16.50 9.72
C GLY A 371 10.17 15.36 8.96
N THR A 372 9.16 15.71 8.17
CA THR A 372 8.39 14.74 7.40
C THR A 372 8.20 15.26 5.97
N GLN A 373 7.70 14.37 5.12
CA GLN A 373 7.17 14.75 3.82
C GLN A 373 5.88 13.98 3.58
N ALA A 374 5.00 14.59 2.82
CA ALA A 374 3.71 13.99 2.52
C ALA A 374 3.88 12.74 1.66
N SER A 375 3.00 11.76 1.87
CA SER A 375 2.89 10.62 0.98
C SER A 375 1.43 10.19 0.91
N LEU A 376 1.12 9.28 0.00
CA LEU A 376 -0.24 8.79 -0.10
C LEU A 376 -0.61 7.92 1.09
N SER A 377 0.37 7.51 1.90
CA SER A 377 0.12 6.82 3.16
C SER A 377 0.09 7.75 4.36
N GLY A 378 0.32 9.07 4.16
CA GLY A 378 0.40 10.00 5.26
C GLY A 378 1.82 10.47 5.51
N PRO A 379 2.07 11.06 6.67
CA PRO A 379 3.37 11.68 6.91
C PRO A 379 4.49 10.64 6.97
N TYR A 380 5.50 10.83 6.13
CA TYR A 380 6.66 9.95 6.07
C TYR A 380 7.83 10.64 6.76
N LEU A 381 8.42 9.98 7.77
CA LEU A 381 9.49 10.58 8.56
C LEU A 381 10.78 10.60 7.75
N THR A 382 11.38 11.79 7.59
CA THR A 382 12.55 11.96 6.76
C THR A 382 13.76 12.53 7.48
N SER A 383 13.58 13.20 8.61
N SER A 383 13.59 13.23 8.61
CA SER A 383 14.69 13.80 9.35
CA SER A 383 14.73 13.76 9.34
C SER A 383 14.41 13.68 10.84
C SER A 383 14.43 13.71 10.84
N VAL A 384 15.47 13.44 11.61
CA VAL A 384 15.39 13.38 13.07
C VAL A 384 16.64 14.03 13.64
N LEU A 385 16.46 14.96 14.57
CA LEU A 385 17.58 15.63 15.23
C LEU A 385 18.60 16.16 14.22
N GLY A 386 18.09 16.68 13.10
CA GLY A 386 18.92 17.34 12.10
C GLY A 386 19.52 16.42 11.07
N LYS A 387 19.30 15.12 11.15
CA LYS A 387 19.87 14.15 10.22
C LYS A 387 18.79 13.71 9.25
N GLU A 388 18.93 14.13 7.98
CA GLU A 388 18.02 13.77 6.93
C GLU A 388 18.46 12.46 6.30
N ALA A 389 17.51 11.57 6.06
CA ALA A 389 17.83 10.34 5.35
C ALA A 389 18.35 10.65 3.95
N GLY A 390 19.45 10.01 3.59
CA GLY A 390 20.01 10.14 2.27
C GLY A 390 19.32 9.22 1.28
N ASP A 391 19.86 9.21 0.07
CA ASP A 391 19.44 8.26 -0.94
C ASP A 391 19.71 6.85 -0.42
N ARG A 392 18.74 5.96 -0.62
CA ARG A 392 18.86 4.58 -0.19
C ARG A 392 19.04 4.46 1.31
N GLU A 393 18.48 5.42 2.06
CA GLU A 393 18.36 5.34 3.50
C GLU A 393 16.93 5.66 3.88
N TYR A 394 16.51 5.18 5.04
CA TYR A 394 15.24 5.62 5.61
C TYR A 394 15.27 5.51 7.13
N TRP A 395 14.43 6.33 7.77
CA TRP A 395 14.19 6.24 9.21
C TRP A 395 13.21 5.10 9.48
N GLN A 396 13.69 4.07 10.15
CA GLN A 396 12.90 2.91 10.53
C GLN A 396 12.35 3.14 11.94
N LEU A 397 11.08 2.77 12.13
CA LEU A 397 10.41 2.87 13.43
C LEU A 397 10.39 1.49 14.07
N LEU A 398 10.89 1.39 15.30
CA LEU A 398 11.02 0.11 15.98
C LEU A 398 10.46 0.17 17.39
N ARG A 399 9.85 -0.93 17.82
CA ARG A 399 9.57 -1.15 19.22
C ARG A 399 10.76 -1.90 19.80
N VAL A 400 11.37 -1.33 20.84
CA VAL A 400 12.53 -1.96 21.46
C VAL A 400 12.10 -3.29 22.06
N PRO A 401 12.84 -4.39 21.85
CA PRO A 401 14.05 -4.53 21.04
C PRO A 401 13.72 -4.96 19.60
N ASP A 402 14.17 -4.11 18.68
CA ASP A 402 14.33 -4.45 17.28
C ASP A 402 13.10 -5.10 16.64
N THR A 403 11.90 -4.57 16.93
CA THR A 403 10.69 -5.04 16.26
C THR A 403 10.12 -3.91 15.40
N PRO A 404 10.23 -3.99 14.07
CA PRO A 404 9.69 -2.91 13.23
C PRO A 404 8.20 -2.72 13.42
N LEU A 405 7.78 -1.48 13.55
CA LEU A 405 6.36 -1.18 13.66
C LEU A 405 5.64 -1.47 12.35
N LEU A 406 4.35 -1.79 12.48
CA LEU A 406 3.49 -2.05 11.34
C LEU A 406 2.69 -0.84 10.87
N GLN A 407 2.93 0.33 11.47
CA GLN A 407 2.22 1.55 11.15
C GLN A 407 3.22 2.71 11.22
N GLY A 408 2.86 3.80 10.55
CA GLY A 408 3.69 4.99 10.54
C GLY A 408 3.39 5.91 11.70
N ILE A 409 4.06 7.07 11.71
CA ILE A 409 3.99 7.93 12.88
C ILE A 409 2.57 8.38 13.18
N ALA A 410 1.77 8.69 12.14
CA ALA A 410 0.46 9.26 12.41
C ALA A 410 -0.54 8.23 12.93
N ASP A 411 -0.30 6.93 12.66
CA ASP A 411 -1.26 5.88 12.97
C ASP A 411 -0.85 4.98 14.14
N TYR A 412 0.45 4.80 14.39
CA TYR A 412 0.87 3.95 15.49
C TYR A 412 0.48 4.59 16.81
N LYS A 413 -0.19 3.84 17.66
CA LYS A 413 -0.64 4.37 18.95
C LYS A 413 0.15 3.68 20.05
N PRO A 414 1.18 4.32 20.62
CA PRO A 414 2.07 3.62 21.54
C PRO A 414 1.37 3.17 22.80
N LYS A 415 1.87 2.08 23.36
CA LYS A 415 1.31 1.50 24.57
C LYS A 415 2.14 1.92 25.76
N ASN A 416 1.50 1.92 26.93
CA ASN A 416 2.18 2.34 28.15
C ASN A 416 3.42 1.48 28.37
N GLY A 417 4.54 2.15 28.65
CA GLY A 417 5.77 1.46 29.00
C GLY A 417 6.61 1.05 27.82
N GLU A 418 6.16 1.29 26.59
CA GLU A 418 6.92 0.95 25.39
C GLU A 418 8.09 1.91 25.22
N THR A 419 9.14 1.42 24.57
CA THR A 419 10.21 2.27 24.05
C THR A 419 10.20 2.15 22.53
N ILE A 420 10.10 3.29 21.85
CA ILE A 420 10.09 3.36 20.40
C ILE A 420 11.40 3.99 19.95
N GLU A 421 12.11 3.29 19.08
CA GLU A 421 13.37 3.75 18.53
C GLU A 421 13.18 4.23 17.10
N LEU A 422 13.83 5.34 16.76
CA LEU A 422 13.96 5.79 15.38
C LEU A 422 15.38 5.50 14.97
N ARG A 423 15.57 4.69 13.92
CA ARG A 423 16.90 4.24 13.51
C ARG A 423 17.07 4.51 12.02
N LEU A 424 18.15 5.19 11.66
CA LEU A 424 18.45 5.43 10.26
C LEU A 424 19.11 4.20 9.68
N VAL A 425 18.46 3.58 8.68
CA VAL A 425 18.97 2.33 8.11
C VAL A 425 19.14 2.47 6.61
N LYS A 426 19.94 1.56 6.05
CA LYS A 426 20.09 1.48 4.61
C LYS A 426 18.90 0.74 4.00
N MET A 427 18.41 1.24 2.86
CA MET A 427 17.36 0.55 2.12
C MET A 427 17.97 -0.70 1.51
#